data_3KP4
#
_entry.id   3KP4
#
_cell.length_a   107.547
_cell.length_b   107.547
_cell.length_c   49.406
_cell.angle_alpha   90.00
_cell.angle_beta   90.00
_cell.angle_gamma   120.00
#
_symmetry.space_group_name_H-M   'P 61'
#
loop_
_entity.id
_entity.type
_entity.pdbx_description
1 polymer 'Transcriptional regulator TcaR'
2 non-polymer methicillin
3 water water
#
_entity_poly.entity_id   1
_entity_poly.type   'polypeptide(L)'
_entity_poly.pdbx_seq_one_letter_code
;MVRRIEDHISFLEKFINDVNTLTAKLLKDLQTEYGISAEQSHVLNMLSIEALTVGQITEKQGVNKAAVSRRVKKLLNAEL
VKLEKPDSNTDQRLKIIKLSNKGKKYIKERKAIMSHIASDMTSDFDSKEIEKVRQVLEIIDYRIQSYTSKL
;
_entity_poly.pdbx_strand_id   A,B
#
# COMPACT_ATOMS: atom_id res chain seq x y z
N ARG A 3 7.59 -16.23 -15.67
CA ARG A 3 7.14 -15.30 -16.75
C ARG A 3 5.62 -15.25 -16.74
N ARG A 4 5.01 -16.29 -16.18
CA ARG A 4 3.56 -16.39 -16.06
C ARG A 4 3.17 -15.63 -14.79
N ILE A 5 4.03 -15.74 -13.80
CA ILE A 5 3.83 -15.11 -12.50
C ILE A 5 4.06 -13.60 -12.59
N GLU A 6 4.96 -13.19 -13.49
CA GLU A 6 5.27 -11.79 -13.68
C GLU A 6 4.02 -10.96 -13.97
N ASP A 7 3.12 -11.53 -14.76
CA ASP A 7 1.87 -10.86 -15.12
C ASP A 7 0.93 -10.71 -13.91
N HIS A 8 0.87 -11.75 -13.10
CA HIS A 8 0.07 -11.78 -11.88
C HIS A 8 0.61 -10.74 -10.89
N ILE A 9 1.93 -10.72 -10.76
CA ILE A 9 2.62 -9.79 -9.86
C ILE A 9 2.37 -8.34 -10.26
N SER A 10 2.42 -8.09 -11.56
CA SER A 10 2.19 -6.74 -12.05
C SER A 10 0.80 -6.28 -11.66
N PHE A 11 -0.18 -7.17 -11.85
CA PHE A 11 -1.59 -6.89 -11.54
C PHE A 11 -1.83 -6.73 -10.05
N LEU A 12 -1.14 -7.54 -9.26
CA LEU A 12 -1.28 -7.45 -7.81
C LEU A 12 -0.80 -6.08 -7.38
N GLU A 13 0.36 -5.68 -7.90
CA GLU A 13 0.95 -4.38 -7.61
C GLU A 13 0.04 -3.28 -8.11
N LYS A 14 -0.55 -3.47 -9.29
CA LYS A 14 -1.47 -2.47 -9.81
C LYS A 14 -2.69 -2.42 -8.91
N PHE A 15 -3.27 -3.60 -8.67
CA PHE A 15 -4.44 -3.73 -7.82
C PHE A 15 -4.22 -3.03 -6.48
N ILE A 16 -3.15 -3.39 -5.77
CA ILE A 16 -2.86 -2.75 -4.49
C ILE A 16 -2.66 -1.26 -4.70
N ASN A 17 -2.06 -0.92 -5.83
CA ASN A 17 -1.83 0.46 -6.17
C ASN A 17 -3.15 1.22 -6.14
N ASP A 18 -4.17 0.69 -6.80
CA ASP A 18 -5.50 1.31 -6.84
C ASP A 18 -6.23 1.34 -5.50
N VAL A 19 -6.06 0.27 -4.72
CA VAL A 19 -6.69 0.17 -3.40
C VAL A 19 -6.22 1.35 -2.54
N ASN A 20 -4.92 1.59 -2.60
CA ASN A 20 -4.32 2.68 -1.85
C ASN A 20 -4.86 4.00 -2.40
N THR A 21 -4.78 4.16 -3.71
CA THR A 21 -5.27 5.37 -4.36
C THR A 21 -6.68 5.71 -3.92
N LEU A 22 -7.58 4.73 -4.04
CA LEU A 22 -8.99 4.90 -3.66
C LEU A 22 -9.19 5.32 -2.20
N THR A 23 -8.48 4.69 -1.30
CA THR A 23 -8.62 5.02 0.11
C THR A 23 -8.20 6.46 0.38
N ALA A 24 -7.13 6.88 -0.28
CA ALA A 24 -6.60 8.23 -0.15
C ALA A 24 -7.62 9.28 -0.55
N LYS A 25 -8.29 9.08 -1.68
CA LYS A 25 -9.29 10.03 -2.10
C LYS A 25 -10.50 9.95 -1.19
N LEU A 26 -10.83 8.72 -0.76
CA LEU A 26 -11.99 8.48 0.10
C LEU A 26 -11.88 8.89 1.56
N LEU A 27 -10.65 9.06 2.05
CA LEU A 27 -10.47 9.42 3.45
C LEU A 27 -9.91 10.83 3.65
N LYS A 28 -9.56 11.49 2.56
CA LYS A 28 -9.01 12.83 2.64
C LYS A 28 -9.86 13.78 3.48
N ASP A 29 -11.09 13.99 3.06
CA ASP A 29 -11.99 14.90 3.77
C ASP A 29 -12.24 14.51 5.22
N LEU A 30 -12.11 13.23 5.53
CA LEU A 30 -12.32 12.78 6.90
C LEU A 30 -11.06 13.01 7.69
N GLN A 31 -9.93 12.87 7.03
CA GLN A 31 -8.64 13.08 7.67
C GLN A 31 -8.51 14.56 7.93
N THR A 32 -8.94 15.36 6.96
CA THR A 32 -8.91 16.80 7.09
C THR A 32 -9.82 17.16 8.25
N GLU A 33 -11.02 16.59 8.28
CA GLU A 33 -11.94 16.87 9.38
C GLU A 33 -11.28 16.66 10.75
N TYR A 34 -10.53 15.57 10.89
CA TYR A 34 -9.84 15.27 12.14
C TYR A 34 -8.52 15.99 12.22
N GLY A 35 -8.19 16.69 11.15
CA GLY A 35 -6.96 17.44 11.10
C GLY A 35 -5.71 16.60 11.12
N ILE A 36 -5.65 15.54 10.29
CA ILE A 36 -4.48 14.68 10.24
C ILE A 36 -4.06 14.33 8.83
N SER A 37 -2.81 13.95 8.69
CA SER A 37 -2.25 13.56 7.41
C SER A 37 -2.60 12.08 7.18
N ALA A 38 -2.39 11.59 5.97
CA ALA A 38 -2.70 10.20 5.68
C ALA A 38 -1.75 9.27 6.45
N GLU A 39 -0.46 9.59 6.41
CA GLU A 39 0.53 8.79 7.11
C GLU A 39 0.16 8.70 8.59
N GLN A 40 -0.39 9.78 9.13
CA GLN A 40 -0.80 9.80 10.53
C GLN A 40 -1.95 8.85 10.72
N SER A 41 -2.73 8.69 9.66
CA SER A 41 -3.89 7.80 9.67
C SER A 41 -3.39 6.37 9.70
N HIS A 42 -2.40 6.05 8.86
CA HIS A 42 -1.87 4.70 8.82
C HIS A 42 -1.52 4.27 10.23
N VAL A 43 -0.88 5.18 10.97
CA VAL A 43 -0.49 4.93 12.34
C VAL A 43 -1.70 4.50 13.15
N LEU A 44 -2.78 5.27 13.06
CA LEU A 44 -4.01 4.96 13.77
C LEU A 44 -4.58 3.62 13.30
N ASN A 45 -4.51 3.38 11.99
CA ASN A 45 -5.02 2.14 11.39
C ASN A 45 -4.22 0.93 11.87
N MET A 46 -2.90 1.07 11.89
CA MET A 46 -2.01 0.01 12.35
C MET A 46 -2.22 -0.28 13.84
N LEU A 47 -2.78 0.68 14.55
CA LEU A 47 -3.05 0.53 15.97
C LEU A 47 -4.51 0.18 16.21
N SER A 48 -5.25 -0.05 15.13
CA SER A 48 -6.66 -0.42 15.23
C SER A 48 -6.74 -1.94 15.32
N ILE A 49 -5.82 -2.59 14.60
CA ILE A 49 -5.72 -4.05 14.56
C ILE A 49 -5.11 -4.58 15.86
N GLU A 50 -4.05 -3.92 16.32
CA GLU A 50 -3.37 -4.35 17.53
C GLU A 50 -2.43 -3.22 17.97
N ALA A 51 -2.05 -3.22 19.25
CA ALA A 51 -1.14 -2.20 19.83
C ALA A 51 0.30 -2.39 19.35
N LEU A 52 1.08 -1.31 19.35
CA LEU A 52 2.47 -1.33 18.90
C LEU A 52 3.32 -0.30 19.64
N THR A 53 4.62 -0.34 19.35
CA THR A 53 5.59 0.60 19.89
C THR A 53 6.17 1.29 18.66
N VAL A 54 7.27 2.00 18.84
CA VAL A 54 7.88 2.73 17.73
C VAL A 54 8.62 1.81 16.76
N GLY A 55 9.58 1.06 17.27
CA GLY A 55 10.32 0.15 16.40
C GLY A 55 9.33 -0.68 15.63
N GLN A 56 8.43 -1.32 16.36
CA GLN A 56 7.40 -2.15 15.76
C GLN A 56 6.86 -1.49 14.50
N ILE A 57 6.41 -0.24 14.62
CA ILE A 57 5.86 0.47 13.48
C ILE A 57 6.92 0.96 12.49
N THR A 58 7.97 1.59 13.01
CA THR A 58 9.03 2.12 12.18
C THR A 58 9.61 1.14 11.15
N GLU A 59 9.58 -0.15 11.50
CA GLU A 59 10.13 -1.19 10.63
C GLU A 59 9.03 -2.07 10.04
N LYS A 60 7.79 -1.78 10.42
CA LYS A 60 6.63 -2.52 9.93
C LYS A 60 6.51 -2.15 8.46
N GLN A 61 6.67 -0.86 8.17
CA GLN A 61 6.61 -0.33 6.81
C GLN A 61 7.89 0.47 6.59
N GLY A 62 8.94 0.02 7.26
CA GLY A 62 10.26 0.63 7.19
C GLY A 62 10.46 2.00 6.59
N VAL A 63 10.17 3.03 7.37
CA VAL A 63 10.38 4.39 6.89
C VAL A 63 11.48 4.97 7.77
N ASN A 64 11.88 6.22 7.49
CA ASN A 64 12.96 6.90 8.21
C ASN A 64 13.04 6.71 9.75
N LYS A 65 14.05 7.35 10.35
CA LYS A 65 14.29 7.28 11.80
C LYS A 65 13.34 8.19 12.57
N ALA A 66 13.64 9.49 12.56
CA ALA A 66 12.84 10.48 13.25
C ALA A 66 11.58 10.85 12.45
N ALA A 67 11.29 10.05 11.43
CA ALA A 67 10.11 10.30 10.59
C ALA A 67 8.96 9.37 10.93
N VAL A 68 8.91 8.96 12.20
CA VAL A 68 7.86 8.09 12.72
C VAL A 68 7.53 8.71 14.07
N SER A 69 8.60 9.08 14.77
CA SER A 69 8.48 9.71 16.07
C SER A 69 7.55 10.91 15.98
N ARG A 70 7.89 11.84 15.09
CA ARG A 70 7.09 13.06 14.91
C ARG A 70 5.60 12.78 14.69
N ARG A 71 5.30 11.79 13.83
CA ARG A 71 3.92 11.40 13.54
C ARG A 71 3.25 10.88 14.81
N VAL A 72 4.03 10.21 15.64
CA VAL A 72 3.53 9.62 16.88
C VAL A 72 3.09 10.64 17.92
N LYS A 73 3.96 11.60 18.25
CA LYS A 73 3.62 12.61 19.25
C LYS A 73 2.53 13.57 18.80
N LYS A 74 2.42 13.76 17.48
CA LYS A 74 1.39 14.64 16.93
C LYS A 74 -0.01 14.13 17.30
N LEU A 75 -0.17 12.81 17.21
CA LEU A 75 -1.45 12.17 17.50
C LEU A 75 -1.81 12.18 18.97
N LEU A 76 -0.80 12.21 19.84
CA LEU A 76 -1.04 12.27 21.28
C LEU A 76 -1.66 13.63 21.55
N ASN A 77 -1.07 14.66 20.95
CA ASN A 77 -1.54 16.03 21.09
C ASN A 77 -2.92 16.23 20.50
N ALA A 78 -3.20 15.53 19.41
CA ALA A 78 -4.50 15.62 18.75
C ALA A 78 -5.51 14.82 19.59
N GLU A 79 -4.97 14.10 20.57
CA GLU A 79 -5.76 13.28 21.48
C GLU A 79 -6.53 12.18 20.77
N LEU A 80 -5.90 11.58 19.78
CA LEU A 80 -6.50 10.49 19.02
C LEU A 80 -5.79 9.21 19.41
N VAL A 81 -4.70 9.35 20.16
CA VAL A 81 -3.91 8.21 20.61
C VAL A 81 -3.39 8.41 22.04
N LYS A 82 -3.03 7.31 22.69
CA LYS A 82 -2.53 7.33 24.06
C LYS A 82 -1.34 6.38 24.30
N LEU A 83 -0.38 6.86 25.10
CA LEU A 83 0.80 6.10 25.46
C LEU A 83 0.50 4.95 26.43
N GLU A 84 -0.62 5.05 27.15
CA GLU A 84 -1.02 4.06 28.14
C GLU A 84 -1.40 2.75 27.45
N LYS A 95 7.55 2.80 22.56
CA LYS A 95 7.29 2.83 24.02
C LYS A 95 6.15 1.87 24.38
N ILE A 96 4.93 2.26 24.04
CA ILE A 96 3.74 1.45 24.34
C ILE A 96 2.65 1.67 23.26
N ILE A 97 2.28 2.94 23.08
CA ILE A 97 1.32 3.43 22.06
C ILE A 97 0.02 2.67 21.67
N LYS A 98 -1.14 3.16 22.14
CA LYS A 98 -2.45 2.57 21.84
C LYS A 98 -3.45 3.69 21.46
N LEU A 99 -4.60 3.33 20.86
CA LEU A 99 -5.64 4.30 20.45
C LEU A 99 -6.45 4.91 21.58
N SER A 100 -6.90 6.14 21.38
CA SER A 100 -7.72 6.85 22.36
C SER A 100 -9.19 6.76 21.92
N ASN A 101 -10.05 7.51 22.58
CA ASN A 101 -11.47 7.52 22.23
C ASN A 101 -11.76 8.28 20.94
N LYS A 102 -11.32 9.54 20.88
CA LYS A 102 -11.54 10.37 19.70
C LYS A 102 -10.91 9.69 18.49
N GLY A 103 -9.93 8.83 18.75
CA GLY A 103 -9.27 8.12 17.69
C GLY A 103 -10.13 6.94 17.25
N LYS A 104 -10.80 6.31 18.22
CA LYS A 104 -11.67 5.16 17.98
C LYS A 104 -12.88 5.56 17.15
N LYS A 105 -13.31 6.80 17.31
CA LYS A 105 -14.45 7.33 16.55
C LYS A 105 -13.95 7.53 15.13
N TYR A 106 -12.70 7.93 14.99
CA TYR A 106 -12.12 8.13 13.67
C TYR A 106 -12.26 6.85 12.87
N ILE A 107 -11.58 5.80 13.35
CA ILE A 107 -11.59 4.48 12.71
C ILE A 107 -13.03 4.04 12.41
N LYS A 108 -13.93 4.32 13.34
CA LYS A 108 -15.35 3.98 13.16
C LYS A 108 -15.84 4.58 11.86
N GLU A 109 -15.73 5.89 11.76
CA GLU A 109 -16.18 6.61 10.57
C GLU A 109 -15.40 6.13 9.35
N ARG A 110 -14.12 5.79 9.53
CA ARG A 110 -13.27 5.30 8.44
C ARG A 110 -13.79 4.00 7.85
N LYS A 111 -14.05 3.03 8.73
CA LYS A 111 -14.55 1.72 8.33
C LYS A 111 -15.92 1.81 7.66
N ALA A 112 -16.74 2.72 8.16
CA ALA A 112 -18.08 2.92 7.61
C ALA A 112 -17.97 3.30 6.14
N ILE A 113 -17.00 4.14 5.84
CA ILE A 113 -16.80 4.58 4.48
C ILE A 113 -16.27 3.44 3.62
N MET A 114 -15.27 2.75 4.14
CA MET A 114 -14.65 1.61 3.43
C MET A 114 -15.57 0.42 3.26
N SER A 115 -16.54 0.26 4.15
CA SER A 115 -17.49 -0.84 4.08
C SER A 115 -18.66 -0.60 3.12
N HIS A 116 -19.09 0.66 2.97
CA HIS A 116 -20.17 0.98 2.04
C HIS A 116 -19.66 0.71 0.63
N ILE A 117 -18.59 1.42 0.27
CA ILE A 117 -17.97 1.31 -1.03
C ILE A 117 -17.59 -0.11 -1.40
N ALA A 118 -16.87 -0.80 -0.52
CA ALA A 118 -16.43 -2.16 -0.76
C ALA A 118 -17.61 -3.10 -0.92
N SER A 119 -18.63 -2.91 -0.09
CA SER A 119 -19.82 -3.73 -0.17
C SER A 119 -20.47 -3.54 -1.53
N ASP A 120 -20.93 -2.31 -1.77
CA ASP A 120 -21.56 -1.96 -3.04
C ASP A 120 -20.65 -2.15 -4.23
N MET A 121 -19.44 -2.64 -4.01
CA MET A 121 -18.52 -2.85 -5.10
C MET A 121 -18.32 -4.35 -5.24
N THR A 122 -18.90 -5.07 -4.29
CA THR A 122 -18.77 -6.51 -4.22
C THR A 122 -20.12 -7.22 -4.22
N SER A 123 -21.14 -6.51 -3.75
CA SER A 123 -22.49 -7.02 -3.62
C SER A 123 -23.11 -7.89 -4.71
N ASP A 124 -22.66 -7.78 -5.95
CA ASP A 124 -23.26 -8.61 -7.02
C ASP A 124 -22.50 -9.89 -7.25
N PHE A 125 -21.49 -10.15 -6.42
CA PHE A 125 -20.74 -11.36 -6.56
C PHE A 125 -21.34 -12.49 -5.76
N ASP A 126 -20.97 -13.70 -6.14
CA ASP A 126 -21.47 -14.86 -5.47
C ASP A 126 -20.57 -15.00 -4.26
N SER A 127 -21.15 -14.98 -3.07
CA SER A 127 -20.38 -15.12 -1.85
C SER A 127 -19.30 -16.19 -2.02
N LYS A 128 -19.63 -17.25 -2.75
CA LYS A 128 -18.68 -18.32 -2.96
C LYS A 128 -17.48 -17.79 -3.73
N GLU A 129 -17.73 -16.85 -4.65
CA GLU A 129 -16.66 -16.27 -5.43
C GLU A 129 -15.72 -15.47 -4.52
N ILE A 130 -16.29 -14.55 -3.74
CA ILE A 130 -15.52 -13.72 -2.83
C ILE A 130 -14.72 -14.58 -1.83
N GLU A 131 -15.39 -15.56 -1.21
CA GLU A 131 -14.75 -16.44 -0.26
C GLU A 131 -13.56 -17.20 -0.85
N LYS A 132 -13.67 -17.60 -2.11
CA LYS A 132 -12.58 -18.31 -2.79
C LYS A 132 -11.42 -17.36 -2.99
N VAL A 133 -11.75 -16.13 -3.37
CA VAL A 133 -10.75 -15.09 -3.58
C VAL A 133 -9.93 -14.91 -2.30
N ARG A 134 -10.62 -14.68 -1.20
CA ARG A 134 -9.99 -14.49 0.08
C ARG A 134 -9.14 -15.68 0.53
N GLN A 135 -9.64 -16.90 0.33
CA GLN A 135 -8.91 -18.11 0.71
C GLN A 135 -7.54 -18.19 0.02
N VAL A 136 -7.47 -17.64 -1.17
CA VAL A 136 -6.24 -17.64 -1.94
C VAL A 136 -5.33 -16.53 -1.45
N LEU A 137 -5.91 -15.42 -1.04
CA LEU A 137 -5.13 -14.31 -0.55
C LEU A 137 -4.74 -14.60 0.87
N GLU A 138 -5.49 -15.46 1.53
CA GLU A 138 -5.13 -15.82 2.89
C GLU A 138 -3.91 -16.73 2.87
N ILE A 139 -3.87 -17.69 1.97
CA ILE A 139 -2.72 -18.58 1.90
C ILE A 139 -1.46 -17.84 1.46
N ILE A 140 -1.61 -16.84 0.59
CA ILE A 140 -0.45 -16.05 0.16
C ILE A 140 0.01 -15.19 1.34
N ASP A 141 -0.94 -14.59 2.06
CA ASP A 141 -0.59 -13.78 3.21
C ASP A 141 0.15 -14.68 4.18
N TYR A 142 -0.38 -15.87 4.37
CA TYR A 142 0.20 -16.84 5.28
C TYR A 142 1.64 -17.13 4.91
N ARG A 143 1.88 -17.39 3.63
CA ARG A 143 3.22 -17.70 3.17
C ARG A 143 4.11 -16.48 3.22
N ILE A 144 3.52 -15.31 2.99
CA ILE A 144 4.27 -14.06 3.05
C ILE A 144 4.82 -13.91 4.46
N GLN A 145 3.93 -13.86 5.45
CA GLN A 145 4.33 -13.72 6.85
C GLN A 145 5.49 -14.61 7.25
N SER A 146 5.35 -15.91 7.04
CA SER A 146 6.40 -16.85 7.39
C SER A 146 7.71 -16.51 6.68
N TYR A 147 7.63 -16.01 5.46
CA TYR A 147 8.85 -15.66 4.75
C TYR A 147 9.50 -14.50 5.47
N THR A 148 8.68 -13.50 5.80
CA THR A 148 9.15 -12.30 6.51
C THR A 148 9.92 -12.70 7.76
N SER A 149 9.36 -13.65 8.52
CA SER A 149 10.00 -14.11 9.74
C SER A 149 11.45 -14.53 9.50
N LYS A 150 11.70 -15.19 8.37
CA LYS A 150 13.05 -15.61 8.00
C LYS A 150 13.83 -14.42 7.45
N LEU A 151 13.15 -13.27 7.36
CA LEU A 151 13.74 -12.05 6.82
C LEU A 151 13.92 -12.19 5.31
N ILE B 5 -16.97 -9.59 5.05
CA ILE B 5 -18.09 -8.61 5.12
C ILE B 5 -17.51 -7.21 5.44
N GLU B 6 -16.71 -7.16 6.49
CA GLU B 6 -16.03 -5.95 6.97
C GLU B 6 -14.64 -6.38 7.39
N ASP B 7 -14.45 -7.69 7.57
CA ASP B 7 -13.13 -8.16 7.91
C ASP B 7 -12.46 -8.62 6.63
N HIS B 8 -13.18 -8.46 5.51
CA HIS B 8 -12.59 -8.77 4.22
C HIS B 8 -11.76 -7.51 4.05
N ILE B 9 -12.39 -6.39 4.42
CA ILE B 9 -11.78 -5.07 4.38
C ILE B 9 -10.57 -5.08 5.31
N SER B 10 -10.76 -5.56 6.53
CA SER B 10 -9.65 -5.65 7.47
C SER B 10 -8.56 -6.56 6.87
N PHE B 11 -8.96 -7.75 6.43
CA PHE B 11 -7.99 -8.67 5.84
C PHE B 11 -7.24 -8.00 4.73
N LEU B 12 -7.98 -7.38 3.81
CA LEU B 12 -7.36 -6.72 2.70
C LEU B 12 -6.31 -5.74 3.24
N GLU B 13 -6.65 -5.00 4.29
CA GLU B 13 -5.71 -4.07 4.84
C GLU B 13 -4.49 -4.78 5.42
N LYS B 14 -4.72 -5.84 6.18
CA LYS B 14 -3.63 -6.61 6.75
C LYS B 14 -2.79 -7.27 5.65
N PHE B 15 -3.43 -7.69 4.58
CA PHE B 15 -2.73 -8.32 3.45
C PHE B 15 -1.83 -7.29 2.77
N ILE B 16 -2.33 -6.07 2.59
CA ILE B 16 -1.55 -5.01 1.96
C ILE B 16 -0.40 -4.55 2.86
N ASN B 17 -0.66 -4.54 4.16
CA ASN B 17 0.35 -4.15 5.11
C ASN B 17 1.46 -5.19 5.09
N ASP B 18 1.10 -6.45 4.94
CA ASP B 18 2.11 -7.50 4.89
C ASP B 18 2.96 -7.41 3.62
N VAL B 19 2.33 -7.28 2.47
CA VAL B 19 3.07 -7.19 1.21
C VAL B 19 4.05 -6.03 1.21
N ASN B 20 3.67 -4.92 1.82
CA ASN B 20 4.56 -3.78 1.87
C ASN B 20 5.79 -4.12 2.69
N THR B 21 5.58 -4.77 3.83
CA THR B 21 6.66 -5.16 4.71
C THR B 21 7.59 -6.16 4.07
N LEU B 22 7.04 -7.08 3.31
CA LEU B 22 7.89 -8.06 2.64
C LEU B 22 8.72 -7.39 1.54
N THR B 23 8.09 -6.47 0.82
CA THR B 23 8.75 -5.76 -0.24
C THR B 23 9.86 -4.84 0.27
N ALA B 24 9.55 -4.09 1.33
CA ALA B 24 10.54 -3.20 1.91
C ALA B 24 11.83 -3.98 2.19
N LYS B 25 11.70 -5.05 2.98
CA LYS B 25 12.83 -5.91 3.35
C LYS B 25 13.59 -6.54 2.18
N LEU B 26 12.86 -7.17 1.26
CA LEU B 26 13.46 -7.81 0.09
C LEU B 26 14.19 -6.80 -0.80
N LEU B 27 13.69 -5.57 -0.83
CA LEU B 27 14.29 -4.53 -1.67
C LEU B 27 15.18 -3.61 -0.88
N LYS B 28 15.41 -3.94 0.39
CA LYS B 28 16.25 -3.12 1.24
C LYS B 28 17.61 -2.78 0.61
N ASP B 29 18.39 -3.81 0.27
CA ASP B 29 19.70 -3.59 -0.31
C ASP B 29 19.70 -2.84 -1.63
N LEU B 30 18.87 -3.27 -2.57
CA LEU B 30 18.81 -2.65 -3.89
C LEU B 30 18.63 -1.14 -3.77
N GLN B 31 17.69 -0.73 -2.91
CA GLN B 31 17.42 0.67 -2.70
C GLN B 31 18.63 1.38 -2.14
N THR B 32 19.43 0.70 -1.34
CA THR B 32 20.65 1.28 -0.77
C THR B 32 21.69 1.45 -1.88
N GLU B 33 21.83 0.41 -2.70
CA GLU B 33 22.78 0.43 -3.81
C GLU B 33 22.49 1.57 -4.78
N TYR B 34 21.22 1.99 -4.81
CA TYR B 34 20.78 3.07 -5.69
C TYR B 34 20.71 4.45 -5.03
N GLY B 35 20.79 4.48 -3.70
CA GLY B 35 20.73 5.75 -3.00
C GLY B 35 19.29 6.25 -2.92
N ILE B 36 18.39 5.43 -3.42
CA ILE B 36 16.96 5.70 -3.44
C ILE B 36 16.34 5.31 -2.09
N SER B 37 15.34 6.07 -1.64
CA SER B 37 14.65 5.77 -0.38
C SER B 37 13.46 4.85 -0.68
N ALA B 38 12.76 4.41 0.36
CA ALA B 38 11.59 3.56 0.16
C ALA B 38 10.52 4.46 -0.43
N GLU B 39 10.42 5.68 0.13
CA GLU B 39 9.46 6.67 -0.35
C GLU B 39 9.62 6.76 -1.88
N GLN B 40 10.83 7.04 -2.34
CA GLN B 40 11.11 7.18 -3.78
C GLN B 40 10.84 5.92 -4.59
N SER B 41 11.23 4.78 -4.04
CA SER B 41 11.04 3.49 -4.70
C SER B 41 9.61 3.30 -5.15
N HIS B 42 8.65 3.60 -4.27
CA HIS B 42 7.25 3.43 -4.63
C HIS B 42 6.89 4.30 -5.81
N VAL B 43 7.46 5.49 -5.87
CA VAL B 43 7.18 6.38 -6.97
C VAL B 43 7.69 5.72 -8.24
N LEU B 44 8.84 5.07 -8.17
CA LEU B 44 9.41 4.39 -9.34
C LEU B 44 8.56 3.22 -9.83
N ASN B 45 7.96 2.49 -8.90
CA ASN B 45 7.14 1.34 -9.25
C ASN B 45 5.80 1.82 -9.76
N MET B 46 5.40 2.98 -9.26
CA MET B 46 4.14 3.65 -9.62
C MET B 46 4.20 4.18 -11.05
N LEU B 47 5.39 4.61 -11.46
CA LEU B 47 5.63 5.14 -12.80
C LEU B 47 5.96 4.03 -13.77
N SER B 48 6.19 2.83 -13.24
CA SER B 48 6.49 1.71 -14.11
C SER B 48 5.20 1.48 -14.87
N ILE B 49 4.09 1.76 -14.18
CA ILE B 49 2.73 1.61 -14.67
C ILE B 49 2.26 2.79 -15.54
N GLU B 50 2.50 4.01 -15.06
CA GLU B 50 2.10 5.21 -15.80
C GLU B 50 3.12 6.34 -15.78
N ALA B 51 2.86 7.31 -16.64
CA ALA B 51 3.67 8.52 -16.76
C ALA B 51 2.78 9.52 -16.05
N LEU B 52 3.21 9.96 -14.86
CA LEU B 52 2.40 10.87 -14.08
C LEU B 52 3.00 12.23 -13.80
N THR B 53 2.12 13.17 -13.50
CA THR B 53 2.49 14.52 -13.14
C THR B 53 2.70 14.44 -11.64
N VAL B 54 3.50 15.33 -11.06
CA VAL B 54 3.72 15.28 -9.62
C VAL B 54 2.39 15.38 -8.88
N GLY B 55 1.43 16.04 -9.50
CA GLY B 55 0.12 16.16 -8.89
C GLY B 55 -0.56 14.81 -8.95
N GLN B 56 -0.58 14.20 -10.12
CA GLN B 56 -1.19 12.90 -10.27
C GLN B 56 -0.65 11.96 -9.19
N ILE B 57 0.66 11.92 -9.04
CA ILE B 57 1.32 11.09 -8.04
C ILE B 57 0.88 11.45 -6.61
N THR B 58 0.75 12.75 -6.38
CA THR B 58 0.36 13.27 -5.07
C THR B 58 -1.06 12.88 -4.66
N GLU B 59 -1.97 12.88 -5.64
CA GLU B 59 -3.36 12.54 -5.37
C GLU B 59 -3.57 11.03 -5.31
N LYS B 60 -2.83 10.31 -6.14
CA LYS B 60 -2.91 8.86 -6.18
C LYS B 60 -2.25 8.31 -4.91
N GLN B 61 -1.86 9.19 -3.99
CA GLN B 61 -1.18 8.76 -2.77
C GLN B 61 -1.61 9.48 -1.47
N GLY B 62 -2.28 10.61 -1.62
CA GLY B 62 -2.76 11.36 -0.47
C GLY B 62 -1.76 12.07 0.45
N VAL B 63 -0.47 11.98 0.15
CA VAL B 63 0.56 12.62 0.97
C VAL B 63 0.77 14.08 0.55
N ASN B 64 1.52 14.83 1.35
CA ASN B 64 1.81 16.26 1.10
C ASN B 64 2.53 16.47 -0.23
N LYS B 65 2.01 17.40 -1.04
CA LYS B 65 2.59 17.70 -2.34
C LYS B 65 4.09 17.95 -2.26
N ALA B 66 4.51 18.73 -1.27
CA ALA B 66 5.93 19.07 -1.06
C ALA B 66 6.79 17.83 -1.04
N ALA B 67 6.36 16.82 -0.30
CA ALA B 67 7.07 15.55 -0.18
C ALA B 67 7.26 14.84 -1.53
N VAL B 68 6.22 14.84 -2.36
CA VAL B 68 6.28 14.23 -3.68
C VAL B 68 7.19 15.05 -4.59
N SER B 69 7.19 16.36 -4.36
CA SER B 69 8.01 17.30 -5.14
C SER B 69 9.48 17.02 -4.91
N ARG B 70 9.82 16.92 -3.63
CA ARG B 70 11.17 16.67 -3.16
C ARG B 70 11.74 15.37 -3.70
N ARG B 71 10.93 14.32 -3.72
CA ARG B 71 11.33 13.01 -4.20
C ARG B 71 11.43 12.88 -5.70
N VAL B 72 10.61 13.63 -6.44
CA VAL B 72 10.65 13.55 -7.88
C VAL B 72 11.87 14.29 -8.41
N LYS B 73 12.20 15.42 -7.76
CA LYS B 73 13.35 16.19 -8.18
C LYS B 73 14.63 15.45 -7.81
N LYS B 74 14.53 14.54 -6.86
CA LYS B 74 15.69 13.75 -6.47
C LYS B 74 15.86 12.64 -7.47
N LEU B 75 14.75 12.16 -8.01
CA LEU B 75 14.81 11.10 -8.98
C LEU B 75 15.28 11.63 -10.32
N LEU B 76 15.02 12.90 -10.57
CA LEU B 76 15.48 13.51 -11.82
C LEU B 76 16.98 13.72 -11.71
N ASN B 77 17.39 14.30 -10.59
CA ASN B 77 18.78 14.54 -10.37
C ASN B 77 19.55 13.23 -10.39
N ALA B 78 18.84 12.13 -10.12
CA ALA B 78 19.45 10.81 -10.12
C ALA B 78 19.28 10.17 -11.48
N GLU B 79 18.63 10.88 -12.39
CA GLU B 79 18.39 10.38 -13.74
C GLU B 79 17.68 9.03 -13.72
N LEU B 80 16.87 8.82 -12.68
CA LEU B 80 16.12 7.58 -12.53
C LEU B 80 14.74 7.82 -13.10
N VAL B 81 14.45 9.09 -13.38
CA VAL B 81 13.17 9.47 -13.96
C VAL B 81 13.43 10.66 -14.91
N LYS B 82 12.46 11.02 -15.73
CA LYS B 82 12.63 12.14 -16.65
C LYS B 82 11.34 12.87 -17.05
N LEU B 83 11.47 13.90 -17.89
CA LEU B 83 10.33 14.69 -18.34
C LEU B 83 9.75 14.29 -19.69
N GLU B 84 8.57 14.84 -19.96
CA GLU B 84 7.80 14.61 -21.18
C GLU B 84 8.61 14.44 -22.46
N LYS B 95 5.37 18.65 -16.60
CA LYS B 95 4.43 17.74 -17.26
C LYS B 95 4.75 16.33 -16.81
N ILE B 96 4.71 15.44 -17.79
CA ILE B 96 4.97 14.03 -17.58
C ILE B 96 6.24 13.72 -16.83
N ILE B 97 6.12 12.86 -15.83
CA ILE B 97 7.27 12.40 -15.06
C ILE B 97 7.31 10.90 -15.37
N LYS B 98 8.19 10.50 -16.29
CA LYS B 98 8.29 9.09 -16.66
C LYS B 98 9.66 8.50 -16.29
N LEU B 99 9.75 7.18 -16.34
CA LEU B 99 10.98 6.46 -16.00
C LEU B 99 12.07 6.61 -17.04
N SER B 100 13.30 6.75 -16.57
CA SER B 100 14.43 6.85 -17.46
C SER B 100 14.89 5.40 -17.52
N ASN B 101 15.89 5.10 -18.33
CA ASN B 101 16.39 3.73 -18.46
C ASN B 101 17.15 3.20 -17.26
N LYS B 102 17.80 4.08 -16.50
CA LYS B 102 18.51 3.64 -15.30
C LYS B 102 17.44 3.30 -14.27
N GLY B 103 16.33 4.02 -14.35
CA GLY B 103 15.23 3.80 -13.44
C GLY B 103 14.55 2.51 -13.80
N LYS B 104 14.48 2.23 -15.10
CA LYS B 104 13.87 1.02 -15.62
C LYS B 104 14.61 -0.23 -15.19
N LYS B 105 15.95 -0.15 -15.13
CA LYS B 105 16.73 -1.30 -14.73
C LYS B 105 16.47 -1.60 -13.26
N TYR B 106 16.15 -0.58 -12.49
CA TYR B 106 15.86 -0.81 -11.08
C TYR B 106 14.54 -1.60 -11.06
N ILE B 107 13.57 -1.13 -11.82
CA ILE B 107 12.28 -1.80 -11.88
C ILE B 107 12.41 -3.24 -12.41
N LYS B 108 13.48 -3.53 -13.16
CA LYS B 108 13.71 -4.88 -13.68
C LYS B 108 14.44 -5.67 -12.61
N GLU B 109 15.32 -5.01 -11.87
CA GLU B 109 16.06 -5.67 -10.79
C GLU B 109 15.05 -5.93 -9.68
N ARG B 110 13.95 -5.19 -9.73
CA ARG B 110 12.91 -5.34 -8.73
C ARG B 110 11.99 -6.50 -9.10
N LYS B 111 11.67 -6.60 -10.38
CA LYS B 111 10.81 -7.68 -10.83
C LYS B 111 11.50 -9.01 -10.52
N ALA B 112 12.72 -9.15 -11.02
CA ALA B 112 13.51 -10.36 -10.82
C ALA B 112 13.52 -10.91 -9.40
N ILE B 113 13.56 -10.02 -8.41
CA ILE B 113 13.58 -10.43 -7.00
C ILE B 113 12.17 -10.78 -6.52
N MET B 114 11.17 -10.09 -7.06
CA MET B 114 9.81 -10.37 -6.67
C MET B 114 9.39 -11.71 -7.27
N SER B 115 9.66 -11.89 -8.56
CA SER B 115 9.32 -13.12 -9.27
C SER B 115 9.93 -14.36 -8.65
N HIS B 116 11.16 -14.23 -8.14
CA HIS B 116 11.84 -15.35 -7.54
C HIS B 116 11.17 -15.84 -6.27
N ILE B 117 10.74 -14.91 -5.43
CA ILE B 117 10.10 -15.31 -4.19
C ILE B 117 8.64 -15.65 -4.45
N ALA B 118 8.01 -14.92 -5.36
CA ALA B 118 6.62 -15.18 -5.68
C ALA B 118 6.42 -16.61 -6.15
N SER B 119 7.24 -17.07 -7.11
CA SER B 119 7.07 -18.46 -7.58
C SER B 119 7.27 -19.45 -6.43
N ASP B 120 8.26 -19.18 -5.58
CA ASP B 120 8.53 -20.06 -4.45
C ASP B 120 7.20 -20.35 -3.74
N MET B 121 6.47 -19.30 -3.41
CA MET B 121 5.21 -19.41 -2.69
C MET B 121 4.00 -19.85 -3.49
N THR B 122 4.14 -19.96 -4.80
CA THR B 122 3.00 -20.35 -5.61
C THR B 122 3.28 -21.52 -6.54
N SER B 123 4.42 -22.19 -6.31
CA SER B 123 4.79 -23.32 -7.16
C SER B 123 3.77 -24.46 -7.13
N ASP B 124 2.92 -24.49 -6.09
CA ASP B 124 1.91 -25.54 -5.93
C ASP B 124 0.44 -25.15 -6.18
N PHE B 125 0.20 -23.93 -6.61
CA PHE B 125 -1.17 -23.49 -6.86
C PHE B 125 -1.72 -24.10 -8.14
N ASP B 126 -3.04 -24.09 -8.28
CA ASP B 126 -3.71 -24.59 -9.48
C ASP B 126 -3.83 -23.38 -10.38
N SER B 127 -3.00 -23.32 -11.41
CA SER B 127 -3.00 -22.18 -12.32
C SER B 127 -4.39 -21.74 -12.79
N LYS B 128 -5.36 -22.65 -12.74
CA LYS B 128 -6.71 -22.32 -13.15
C LYS B 128 -7.52 -21.75 -11.99
N GLU B 129 -7.25 -22.22 -10.77
CA GLU B 129 -7.96 -21.67 -9.61
C GLU B 129 -7.62 -20.19 -9.68
N ILE B 130 -6.32 -19.91 -9.75
CA ILE B 130 -5.80 -18.56 -9.83
C ILE B 130 -6.47 -17.73 -10.93
N GLU B 131 -6.73 -18.35 -12.08
CA GLU B 131 -7.38 -17.61 -13.14
C GLU B 131 -8.70 -17.03 -12.65
N LYS B 132 -9.60 -17.88 -12.16
CA LYS B 132 -10.87 -17.35 -11.69
C LYS B 132 -10.68 -16.31 -10.61
N VAL B 133 -9.73 -16.52 -9.71
CA VAL B 133 -9.50 -15.54 -8.67
C VAL B 133 -9.04 -14.23 -9.29
N ARG B 134 -8.20 -14.28 -10.32
CA ARG B 134 -7.74 -13.07 -10.95
C ARG B 134 -8.85 -12.32 -11.66
N GLN B 135 -9.76 -13.05 -12.31
CA GLN B 135 -10.86 -12.43 -13.02
C GLN B 135 -11.73 -11.63 -12.06
N VAL B 136 -11.90 -12.16 -10.85
CA VAL B 136 -12.69 -11.48 -9.83
C VAL B 136 -12.02 -10.16 -9.41
N LEU B 137 -10.70 -10.19 -9.31
CA LEU B 137 -9.90 -9.02 -8.93
C LEU B 137 -9.79 -8.00 -10.03
N GLU B 138 -9.83 -8.43 -11.28
CA GLU B 138 -9.77 -7.50 -12.40
C GLU B 138 -11.06 -6.72 -12.43
N ILE B 139 -12.16 -7.36 -12.08
CA ILE B 139 -13.44 -6.69 -12.09
C ILE B 139 -13.47 -5.75 -10.90
N ILE B 140 -13.00 -6.19 -9.74
CA ILE B 140 -13.00 -5.27 -8.63
C ILE B 140 -12.05 -4.12 -8.94
N ASP B 141 -10.88 -4.43 -9.49
CA ASP B 141 -9.93 -3.38 -9.84
C ASP B 141 -10.59 -2.41 -10.83
N TYR B 142 -11.22 -2.95 -11.87
CA TYR B 142 -11.91 -2.15 -12.86
C TYR B 142 -12.84 -1.15 -12.18
N ARG B 143 -13.60 -1.61 -11.20
CA ARG B 143 -14.55 -0.77 -10.48
C ARG B 143 -13.87 0.21 -9.54
N ILE B 144 -12.75 -0.20 -8.95
CA ILE B 144 -11.99 0.68 -8.05
C ILE B 144 -11.56 1.90 -8.82
N GLN B 145 -11.02 1.70 -10.02
CA GLN B 145 -10.57 2.79 -10.86
C GLN B 145 -11.75 3.71 -11.23
N SER B 146 -12.91 3.10 -11.52
CA SER B 146 -14.12 3.85 -11.87
C SER B 146 -14.64 4.82 -10.84
N TYR B 147 -14.80 4.35 -9.62
CA TYR B 147 -15.30 5.18 -8.56
C TYR B 147 -14.26 6.26 -8.29
N THR B 148 -12.99 5.93 -8.42
CA THR B 148 -11.95 6.86 -8.11
C THR B 148 -11.88 8.04 -8.91
N SER B 149 -12.77 8.13 -10.01
CA SER B 149 -12.15 9.38 -10.57
C SER B 149 -12.33 10.52 -9.60
N LYS B 150 -12.18 11.77 -9.92
CA LYS B 150 -12.06 12.67 -8.80
C LYS B 150 -12.78 12.52 -7.50
N LEU B 151 -14.03 12.84 -7.52
CA LEU B 151 -14.91 12.79 -6.33
C LEU B 151 -15.40 14.27 -6.04
#